data_8GUV
#
_entry.id   8GUV
#
_cell.length_a   57.650
_cell.length_b   164.626
_cell.length_c   50.105
_cell.angle_alpha   90.000
_cell.angle_beta   90.000
_cell.angle_gamma   90.000
#
_symmetry.space_group_name_H-M   'C 2 2 21'
#
loop_
_entity.id
_entity.type
_entity.pdbx_description
1 polymer 'PA-I galactophilic lectin'
2 non-polymer 'CALCIUM ION'
3 non-polymer Tolcapone
4 water water
#
_entity_poly.entity_id   1
_entity_poly.type   'polypeptide(L)'
_entity_poly.pdbx_seq_one_letter_code
;AWKGEVLANNEAGQVTSIIYNPGDVITIVAAGWASYGPTQKWGPQGDREHPDQGLICHDAFCGALVMKIGNSGTIPVNTG
LFRWVAPNNVQGAITLIYNDVPGTYGNNSGSFSVNIGKDQS
;
_entity_poly.pdbx_strand_id   A,B
#
# COMPACT_ATOMS: atom_id res chain seq x y z
N ALA A 1 -7.53 6.24 4.37
CA ALA A 1 -6.94 6.33 5.73
C ALA A 1 -7.94 5.79 6.75
N TRP A 2 -7.51 5.64 8.00
CA TRP A 2 -8.34 5.19 9.14
C TRP A 2 -8.36 6.28 10.19
N LYS A 3 -9.50 6.53 10.79
CA LYS A 3 -9.59 7.40 11.97
C LYS A 3 -10.51 6.74 12.99
N GLY A 4 -10.15 6.75 14.24
CA GLY A 4 -11.02 6.14 15.26
C GLY A 4 -10.51 6.38 16.64
N GLU A 5 -11.28 5.92 17.60
CA GLU A 5 -10.96 6.03 19.05
C GLU A 5 -10.30 4.74 19.53
N VAL A 6 -9.31 4.87 20.38
CA VAL A 6 -8.71 3.74 21.12
C VAL A 6 -9.05 3.96 22.59
N LEU A 7 -9.96 3.14 23.13
CA LEU A 7 -10.36 3.27 24.55
C LEU A 7 -9.25 2.71 25.44
N ALA A 8 -8.92 3.44 26.49
CA ALA A 8 -7.88 3.03 27.46
C ALA A 8 -8.27 1.70 28.16
N ASN A 9 -9.56 1.39 28.29
CA ASN A 9 -10.01 0.19 29.03
C ASN A 9 -10.14 -1.00 28.09
N ASN A 10 -9.78 -0.88 26.80
CA ASN A 10 -9.94 -1.95 25.80
C ASN A 10 -8.69 -2.83 25.80
N GLU A 11 -8.68 -3.89 26.59
CA GLU A 11 -7.49 -4.76 26.75
C GLU A 11 -7.13 -5.45 25.43
N ALA A 12 -8.09 -5.79 24.58
CA ALA A 12 -7.83 -6.50 23.30
C ALA A 12 -7.31 -5.53 22.24
N GLY A 13 -7.48 -4.23 22.46
CA GLY A 13 -7.05 -3.20 21.50
C GLY A 13 -8.09 -2.97 20.43
N GLN A 14 -7.90 -1.90 19.67
CA GLN A 14 -8.81 -1.46 18.61
C GLN A 14 -8.22 -1.86 17.27
N VAL A 15 -8.86 -2.78 16.55
N VAL A 15 -8.86 -2.78 16.56
CA VAL A 15 -8.42 -3.15 15.19
CA VAL A 15 -8.43 -3.14 15.19
C VAL A 15 -8.75 -1.97 14.26
C VAL A 15 -8.75 -1.95 14.27
N THR A 16 -7.82 -1.64 13.37
CA THR A 16 -8.00 -0.56 12.38
C THR A 16 -8.34 -1.19 11.03
N SER A 17 -8.57 -0.36 10.03
CA SER A 17 -8.78 -0.79 8.62
C SER A 17 -7.45 -0.93 7.91
N ILE A 18 -6.32 -0.63 8.55
CA ILE A 18 -5.02 -0.60 7.86
C ILE A 18 -4.43 -1.99 7.89
N ILE A 19 -4.22 -2.59 6.73
CA ILE A 19 -3.44 -3.85 6.59
C ILE A 19 -2.06 -3.43 6.11
N TYR A 20 -1.06 -3.53 6.98
CA TYR A 20 0.34 -3.19 6.65
C TYR A 20 0.90 -4.29 5.74
N ASN A 21 1.32 -3.94 4.53
CA ASN A 21 1.92 -4.86 3.56
C ASN A 21 3.39 -4.52 3.36
N PRO A 22 4.25 -5.49 2.99
CA PRO A 22 5.66 -5.20 2.70
C PRO A 22 5.80 -3.99 1.76
N GLY A 23 6.68 -3.07 2.12
CA GLY A 23 6.95 -1.87 1.32
C GLY A 23 6.12 -0.68 1.79
N ASP A 24 5.05 -0.89 2.56
CA ASP A 24 4.16 0.24 2.89
C ASP A 24 4.92 1.25 3.76
N VAL A 25 4.57 2.51 3.60
CA VAL A 25 5.05 3.62 4.46
C VAL A 25 3.80 4.15 5.14
N ILE A 26 3.80 4.29 6.45
CA ILE A 26 2.59 4.78 7.16
C ILE A 26 2.91 5.98 8.02
N THR A 27 1.90 6.79 8.27
CA THR A 27 1.98 7.91 9.22
C THR A 27 0.83 7.77 10.21
N ILE A 28 1.13 7.91 11.49
CA ILE A 28 0.14 7.84 12.60
C ILE A 28 0.22 9.15 13.37
N VAL A 29 -0.92 9.76 13.68
CA VAL A 29 -1.02 10.90 14.62
C VAL A 29 -2.03 10.50 15.69
N ALA A 30 -1.64 10.59 16.96
CA ALA A 30 -2.48 10.21 18.12
C ALA A 30 -2.63 11.41 19.02
N ALA A 31 -3.80 11.64 19.58
CA ALA A 31 -4.07 12.80 20.46
C ALA A 31 -4.99 12.34 21.59
N GLY A 32 -5.00 13.10 22.67
CA GLY A 32 -6.04 12.99 23.70
C GLY A 32 -5.45 12.65 25.04
N TRP A 33 -6.34 12.32 25.97
CA TRP A 33 -6.04 12.24 27.41
C TRP A 33 -6.68 10.97 27.97
N ALA A 34 -5.92 10.18 28.70
CA ALA A 34 -6.43 8.89 29.23
C ALA A 34 -5.73 8.60 30.56
N SER A 35 -6.27 7.63 31.29
CA SER A 35 -5.70 7.19 32.57
C SER A 35 -5.69 5.67 32.64
N TYR A 36 -4.65 5.15 33.28
CA TYR A 36 -4.50 3.72 33.63
C TYR A 36 -5.09 3.47 35.03
N GLY A 37 -5.76 4.44 35.63
CA GLY A 37 -6.41 4.22 36.94
C GLY A 37 -6.52 5.48 37.77
N PRO A 38 -5.41 6.21 37.98
CA PRO A 38 -5.43 7.39 38.84
C PRO A 38 -6.34 8.52 38.32
N THR A 39 -6.64 9.44 39.22
CA THR A 39 -7.42 10.69 39.01
C THR A 39 -6.43 11.76 38.54
N GLN A 40 -5.77 11.45 37.44
CA GLN A 40 -4.93 12.32 36.59
C GLN A 40 -5.05 11.76 35.18
N LYS A 41 -4.67 12.52 34.16
CA LYS A 41 -4.66 12.00 32.77
C LYS A 41 -3.30 12.28 32.14
N TRP A 42 -2.96 11.43 31.19
CA TRP A 42 -1.69 11.51 30.42
C TRP A 42 -2.02 11.41 28.94
N GLY A 43 -1.16 11.99 28.13
CA GLY A 43 -1.26 11.91 26.66
C GLY A 43 -0.75 10.58 26.15
N PRO A 44 -0.65 10.45 24.81
CA PRO A 44 -0.25 9.18 24.18
C PRO A 44 1.19 8.69 24.46
N GLN A 45 2.02 9.56 25.08
CA GLN A 45 3.34 9.09 25.59
C GLN A 45 3.24 8.48 26.98
N GLY A 46 2.08 8.54 27.64
CA GLY A 46 1.89 7.93 28.97
C GLY A 46 2.60 8.68 30.09
N ASP A 47 2.78 7.95 31.18
CA ASP A 47 3.29 8.47 32.48
C ASP A 47 4.75 8.06 32.66
N ARG A 48 5.65 9.01 32.43
CA ARG A 48 7.11 8.77 32.49
C ARG A 48 7.56 8.43 33.92
N GLU A 49 6.74 8.68 34.93
CA GLU A 49 7.14 8.49 36.36
C GLU A 49 6.66 7.14 36.88
N HIS A 50 5.75 6.45 36.19
CA HIS A 50 5.12 5.23 36.73
C HIS A 50 6.02 4.03 36.46
N PRO A 51 6.33 3.18 37.46
CA PRO A 51 7.10 1.97 37.18
C PRO A 51 6.40 1.01 36.21
N ASP A 52 7.17 0.15 35.56
CA ASP A 52 6.70 -0.93 34.68
C ASP A 52 6.51 -2.17 35.55
N GLN A 53 5.26 -2.50 35.88
CA GLN A 53 4.89 -3.68 36.72
C GLN A 53 4.34 -4.80 35.85
N GLY A 54 4.81 -4.94 34.60
CA GLY A 54 4.39 -6.01 33.66
C GLY A 54 3.59 -5.46 32.48
N LEU A 55 4.00 -4.31 31.94
CA LEU A 55 3.28 -3.65 30.82
C LEU A 55 3.32 -4.54 29.58
N ILE A 56 2.29 -4.46 28.74
CA ILE A 56 2.29 -5.22 27.46
C ILE A 56 3.40 -4.72 26.54
N CYS A 57 3.92 -3.52 26.74
CA CYS A 57 5.08 -3.00 25.97
C CYS A 57 6.11 -2.39 26.93
N HIS A 58 7.27 -3.03 27.03
CA HIS A 58 8.36 -2.55 27.91
C HIS A 58 9.14 -1.39 27.27
N ASP A 59 8.89 -1.04 26.00
CA ASP A 59 9.60 0.09 25.30
C ASP A 59 8.78 1.36 25.32
N ALA A 60 7.70 1.44 26.12
CA ALA A 60 6.89 2.66 26.25
C ALA A 60 6.38 2.74 27.68
N PHE A 61 6.00 3.94 28.08
CA PHE A 61 5.51 4.21 29.45
C PHE A 61 4.12 3.63 29.63
N CYS A 62 3.78 3.40 30.88
CA CYS A 62 2.40 3.03 31.27
C CYS A 62 1.47 4.14 30.79
N GLY A 63 0.39 3.78 30.09
CA GLY A 63 -0.54 4.78 29.54
C GLY A 63 -0.17 5.31 28.17
N ALA A 64 0.88 4.76 27.55
CA ALA A 64 1.26 5.14 26.18
C ALA A 64 0.43 4.36 25.17
N LEU A 65 0.37 4.91 23.96
CA LEU A 65 -0.24 4.18 22.81
C LEU A 65 0.81 3.25 22.19
N VAL A 66 0.44 2.00 21.96
CA VAL A 66 1.29 1.02 21.25
C VAL A 66 0.48 0.33 20.16
N MET A 67 1.11 -0.53 19.38
CA MET A 67 0.38 -1.26 18.33
C MET A 67 0.96 -2.66 18.17
N LYS A 68 0.17 -3.51 17.55
CA LYS A 68 0.63 -4.77 16.97
C LYS A 68 0.27 -4.75 15.48
N ILE A 69 1.11 -5.34 14.68
CA ILE A 69 0.87 -5.51 13.23
C ILE A 69 0.82 -7.01 12.98
N GLY A 70 -0.33 -7.53 12.58
CA GLY A 70 -0.54 -8.99 12.49
C GLY A 70 -0.07 -9.71 13.75
N ASN A 71 0.89 -10.63 13.60
CA ASN A 71 1.41 -11.53 14.66
C ASN A 71 2.61 -10.92 15.40
N SER A 72 2.87 -9.62 15.28
CA SER A 72 4.05 -8.97 15.90
C SER A 72 3.89 -8.86 17.42
N GLY A 73 5.01 -8.63 18.09
CA GLY A 73 5.02 -8.06 19.45
C GLY A 73 4.50 -6.64 19.45
N THR A 74 4.39 -6.04 20.63
CA THR A 74 3.98 -4.63 20.75
C THR A 74 5.09 -3.72 20.24
N ILE A 75 4.70 -2.64 19.58
CA ILE A 75 5.61 -1.62 18.99
C ILE A 75 5.14 -0.28 19.50
N PRO A 76 6.01 0.56 20.09
CA PRO A 76 5.58 1.85 20.56
C PRO A 76 5.03 2.72 19.42
N VAL A 77 3.96 3.44 19.69
CA VAL A 77 3.42 4.48 18.80
C VAL A 77 3.60 5.84 19.45
N ASN A 78 3.25 5.96 20.73
CA ASN A 78 3.32 7.26 21.44
C ASN A 78 2.47 8.27 20.67
N THR A 79 2.97 9.47 20.40
CA THR A 79 2.21 10.53 19.69
C THR A 79 2.01 10.19 18.21
N GLY A 80 2.76 9.24 17.68
CA GLY A 80 2.67 8.91 16.26
C GLY A 80 3.99 8.51 15.66
N LEU A 81 3.92 8.20 14.37
CA LEU A 81 5.05 7.73 13.55
C LEU A 81 4.96 8.49 12.24
N PHE A 82 6.06 9.02 11.75
CA PHE A 82 6.11 9.80 10.49
C PHE A 82 6.82 9.01 9.41
N ARG A 83 6.08 8.64 8.37
CA ARG A 83 6.61 7.93 7.16
C ARG A 83 7.47 6.76 7.61
N TRP A 84 6.86 5.87 8.37
CA TRP A 84 7.48 4.73 9.05
C TRP A 84 7.32 3.45 8.23
N VAL A 85 8.36 2.62 8.21
CA VAL A 85 8.42 1.30 7.54
C VAL A 85 8.67 0.23 8.59
N ALA A 86 7.96 -0.89 8.53
CA ALA A 86 8.05 -2.00 9.50
C ALA A 86 9.30 -2.84 9.26
N PRO A 87 9.75 -3.64 10.25
CA PRO A 87 10.76 -4.67 10.02
C PRO A 87 10.38 -5.72 8.97
N ASN A 88 11.38 -6.37 8.36
CA ASN A 88 11.24 -7.56 7.48
C ASN A 88 10.32 -8.56 8.19
N ASN A 89 9.32 -9.07 7.48
CA ASN A 89 8.41 -10.14 7.96
C ASN A 89 7.43 -9.62 9.02
N VAL A 90 7.22 -8.31 9.15
CA VAL A 90 6.13 -7.73 9.97
C VAL A 90 5.05 -7.25 8.99
N GLN A 91 3.86 -7.82 9.06
CA GLN A 91 2.75 -7.50 8.12
C GLN A 91 1.43 -7.93 8.73
N GLY A 92 0.35 -7.31 8.27
CA GLY A 92 -1.01 -7.64 8.68
C GLY A 92 -1.75 -6.45 9.25
N ALA A 93 -2.94 -6.71 9.78
CA ALA A 93 -3.82 -5.66 10.32
C ALA A 93 -3.14 -4.95 11.48
N ILE A 94 -3.26 -3.65 11.53
CA ILE A 94 -2.74 -2.87 12.69
C ILE A 94 -3.83 -2.83 13.74
N THR A 95 -3.47 -3.21 14.96
CA THR A 95 -4.29 -3.06 16.17
C THR A 95 -3.62 -2.07 17.11
N LEU A 96 -4.35 -1.07 17.57
CA LEU A 96 -3.86 -0.05 18.52
C LEU A 96 -4.25 -0.42 19.94
N ILE A 97 -3.33 -0.31 20.89
CA ILE A 97 -3.58 -0.75 22.27
C ILE A 97 -3.04 0.27 23.25
N TYR A 98 -3.77 0.54 24.30
CA TYR A 98 -3.31 1.29 25.48
C TYR A 98 -2.34 0.40 26.27
N ASN A 99 -1.19 0.95 26.64
CA ASN A 99 -0.15 0.19 27.37
C ASN A 99 -0.49 0.11 28.86
N ASP A 100 -0.84 -1.08 29.31
CA ASP A 100 -1.14 -1.31 30.75
C ASP A 100 -0.75 -2.73 31.09
N VAL A 101 -0.87 -3.09 32.36
CA VAL A 101 -0.55 -4.46 32.83
C VAL A 101 -1.74 -5.36 32.51
N PRO A 102 -1.54 -6.55 31.93
CA PRO A 102 -2.66 -7.47 31.66
C PRO A 102 -3.54 -7.69 32.91
N GLY A 103 -4.86 -7.65 32.72
CA GLY A 103 -5.83 -7.84 33.81
C GLY A 103 -6.11 -6.59 34.60
N THR A 104 -5.50 -5.44 34.28
CA THR A 104 -5.66 -4.17 35.05
C THR A 104 -6.35 -3.09 34.20
N TYR A 105 -7.03 -3.45 33.12
CA TYR A 105 -7.63 -2.46 32.20
C TYR A 105 -8.97 -1.94 32.73
N GLY A 106 -9.58 -2.62 33.70
CA GLY A 106 -10.96 -2.31 34.12
C GLY A 106 -11.10 -0.95 34.77
N ASN A 107 -10.02 -0.40 35.35
CA ASN A 107 -10.08 0.92 36.03
C ASN A 107 -9.58 2.04 35.10
N ASN A 108 -9.34 1.73 33.83
CA ASN A 108 -8.80 2.75 32.89
C ASN A 108 -9.94 3.62 32.38
N SER A 109 -9.62 4.83 31.93
CA SER A 109 -10.66 5.72 31.40
C SER A 109 -10.06 6.63 30.33
N GLY A 110 -10.93 7.21 29.53
CA GLY A 110 -10.53 8.09 28.43
C GLY A 110 -10.09 7.29 27.23
N SER A 111 -9.51 7.99 26.26
CA SER A 111 -9.25 7.42 24.94
C SER A 111 -8.25 8.30 24.22
N PHE A 112 -7.66 7.73 23.19
CA PHE A 112 -6.90 8.53 22.20
C PHE A 112 -7.67 8.53 20.88
N SER A 113 -7.72 9.69 20.23
N SER A 113 -7.72 9.69 20.23
N SER A 113 -7.71 9.69 20.23
CA SER A 113 -8.20 9.86 18.83
CA SER A 113 -8.20 9.85 18.83
CA SER A 113 -8.20 9.85 18.83
C SER A 113 -7.00 9.66 17.91
C SER A 113 -7.01 9.66 17.91
C SER A 113 -7.00 9.66 17.91
N VAL A 114 -7.07 8.70 16.99
CA VAL A 114 -5.89 8.30 16.18
C VAL A 114 -6.25 8.34 14.69
N ASN A 115 -5.33 8.84 13.87
CA ASN A 115 -5.38 8.80 12.40
C ASN A 115 -4.24 7.92 11.94
N ILE A 116 -4.49 7.04 10.97
CA ILE A 116 -3.41 6.32 10.26
C ILE A 116 -3.64 6.49 8.77
N GLY A 117 -2.59 6.78 8.01
CA GLY A 117 -2.63 6.79 6.54
C GLY A 117 -1.44 6.08 5.95
N LYS A 118 -1.60 5.57 4.74
CA LYS A 118 -0.45 5.09 3.94
C LYS A 118 0.08 6.27 3.12
N ASP A 119 1.39 6.41 3.16
CA ASP A 119 2.10 7.47 2.42
C ASP A 119 2.47 6.96 1.03
N GLN A 120 2.87 7.88 0.19
CA GLN A 120 3.45 7.57 -1.14
C GLN A 120 4.65 6.64 -0.94
N SER A 121 4.87 5.73 -1.87
CA SER A 121 6.02 4.80 -1.84
C SER A 121 6.31 4.31 -3.25
N ALA B 1 8.90 3.01 -5.29
CA ALA B 1 8.40 3.14 -6.69
C ALA B 1 9.27 2.30 -7.63
N TRP B 2 8.83 2.14 -8.86
CA TRP B 2 9.49 1.29 -9.87
C TRP B 2 9.67 2.12 -11.13
N LYS B 3 10.80 2.00 -11.79
CA LYS B 3 11.02 2.60 -13.12
C LYS B 3 11.77 1.61 -13.98
N GLY B 4 11.30 1.40 -15.19
CA GLY B 4 12.00 0.49 -16.12
C GLY B 4 11.42 0.54 -17.50
N GLU B 5 11.90 -0.30 -18.38
CA GLU B 5 11.56 -0.35 -19.82
C GLU B 5 10.69 -1.58 -20.04
N VAL B 6 9.73 -1.47 -20.92
CA VAL B 6 8.87 -2.59 -21.41
C VAL B 6 9.20 -2.72 -22.90
N LEU B 7 9.85 -3.80 -23.30
CA LEU B 7 10.19 -3.97 -24.73
C LEU B 7 8.98 -4.47 -25.49
N ALA B 8 8.74 -3.91 -26.66
CA ALA B 8 7.63 -4.33 -27.53
C ALA B 8 7.77 -5.77 -28.00
N ASN B 9 9.01 -6.27 -28.11
CA ASN B 9 9.27 -7.63 -28.66
C ASN B 9 9.23 -8.68 -27.54
N ASN B 10 8.87 -8.32 -26.32
CA ASN B 10 8.87 -9.25 -25.16
C ASN B 10 7.44 -9.76 -24.94
N GLU B 11 7.10 -10.94 -25.48
CA GLU B 11 5.74 -11.50 -25.36
C GLU B 11 5.34 -11.77 -23.90
N ALA B 12 6.30 -12.12 -23.05
CA ALA B 12 6.01 -12.45 -21.64
C ALA B 12 5.79 -11.19 -20.81
N GLY B 13 6.21 -10.02 -21.30
CA GLY B 13 6.10 -8.77 -20.54
C GLY B 13 7.20 -8.62 -19.50
N GLN B 14 7.25 -7.45 -18.84
CA GLN B 14 8.25 -7.14 -17.81
C GLN B 14 7.55 -7.21 -16.45
N VAL B 15 7.95 -8.16 -15.61
CA VAL B 15 7.40 -8.22 -14.23
C VAL B 15 8.09 -7.09 -13.45
N THR B 16 7.35 -6.32 -12.68
CA THR B 16 7.89 -5.21 -11.88
C THR B 16 8.02 -5.66 -10.43
N SER B 17 8.58 -4.78 -9.60
CA SER B 17 8.73 -4.93 -8.14
C SER B 17 7.43 -4.51 -7.42
N ILE B 18 6.44 -3.97 -8.14
CA ILE B 18 5.22 -3.43 -7.48
C ILE B 18 4.23 -4.57 -7.26
N ILE B 19 3.89 -4.79 -6.02
CA ILE B 19 2.85 -5.78 -5.63
C ILE B 19 1.57 -4.99 -5.33
N TYR B 20 0.58 -5.09 -6.19
CA TYR B 20 -0.73 -4.41 -5.99
C TYR B 20 -1.48 -5.16 -4.89
N ASN B 21 -1.81 -4.48 -3.79
CA ASN B 21 -2.56 -5.06 -2.67
C ASN B 21 -3.92 -4.39 -2.59
N PRO B 22 -4.93 -5.07 -2.01
CA PRO B 22 -6.24 -4.46 -1.83
C PRO B 22 -6.15 -3.09 -1.16
N GLY B 23 -6.84 -2.12 -1.77
CA GLY B 23 -6.90 -0.74 -1.30
C GLY B 23 -5.80 0.14 -1.86
N ASP B 24 -4.80 -0.43 -2.52
CA ASP B 24 -3.67 0.42 -2.99
C ASP B 24 -4.21 1.40 -4.04
N VAL B 25 -3.63 2.59 -4.02
CA VAL B 25 -3.82 3.62 -5.05
C VAL B 25 -2.50 3.71 -5.78
N ILE B 26 -2.50 3.60 -7.11
CA ILE B 26 -1.23 3.67 -7.87
C ILE B 26 -1.32 4.74 -8.95
N THR B 27 -0.16 5.25 -9.32
CA THR B 27 -0.04 6.10 -10.52
C THR B 27 1.01 5.47 -11.42
N ILE B 28 0.68 5.40 -12.71
CA ILE B 28 1.58 4.92 -13.78
C ILE B 28 1.71 6.03 -14.80
N VAL B 29 2.92 6.36 -15.22
CA VAL B 29 3.18 7.24 -16.38
C VAL B 29 4.08 6.47 -17.35
N ALA B 30 3.64 6.35 -18.59
CA ALA B 30 4.35 5.61 -19.65
C ALA B 30 4.69 6.57 -20.78
N ALA B 31 5.89 6.44 -21.33
CA ALA B 31 6.34 7.29 -22.45
C ALA B 31 7.08 6.42 -23.45
N GLY B 32 7.26 6.91 -24.66
CA GLY B 32 8.16 6.33 -25.65
C GLY B 32 7.48 5.87 -26.90
N TRP B 33 8.22 5.12 -27.71
CA TRP B 33 7.87 4.82 -29.11
C TRP B 33 8.14 3.37 -29.42
N ALA B 34 7.15 2.69 -29.97
CA ALA B 34 7.28 1.24 -30.24
C ALA B 34 6.48 0.89 -31.47
N SER B 35 6.77 -0.25 -32.06
CA SER B 35 6.03 -0.79 -33.21
C SER B 35 5.70 -2.26 -33.02
N TYR B 36 4.57 -2.65 -33.54
CA TYR B 36 4.13 -4.06 -33.64
C TYR B 36 4.58 -4.69 -34.97
N GLY B 37 5.42 -4.00 -35.74
CA GLY B 37 6.00 -4.56 -36.97
C GLY B 37 6.26 -3.53 -38.05
N PRO B 38 5.31 -2.62 -38.35
CA PRO B 38 5.54 -1.61 -39.38
C PRO B 38 6.68 -0.66 -39.05
N THR B 39 7.16 0.07 -40.07
N THR B 39 7.16 0.06 -40.08
CA THR B 39 8.29 1.02 -39.92
CA THR B 39 8.27 1.04 -39.98
C THR B 39 7.87 2.20 -39.03
C THR B 39 7.87 2.20 -39.04
N GLN B 40 6.59 2.58 -39.04
CA GLN B 40 6.04 3.64 -38.15
C GLN B 40 6.18 3.18 -36.69
N LYS B 41 6.25 4.12 -35.77
CA LYS B 41 6.14 3.80 -34.33
C LYS B 41 4.99 4.61 -33.74
N TRP B 42 4.44 4.09 -32.65
CA TRP B 42 3.29 4.64 -31.90
C TRP B 42 3.68 4.77 -30.44
N GLY B 43 3.02 5.67 -29.75
CA GLY B 43 3.12 5.84 -28.31
C GLY B 43 2.32 4.78 -27.56
N PRO B 44 2.25 4.91 -26.22
CA PRO B 44 1.66 3.89 -25.37
C PRO B 44 0.15 3.67 -25.53
N GLN B 45 -0.53 4.53 -26.29
CA GLN B 45 -1.95 4.25 -26.66
C GLN B 45 -2.05 3.35 -27.91
N GLY B 46 -0.93 3.07 -28.56
CA GLY B 46 -0.92 2.23 -29.76
C GLY B 46 -1.51 2.90 -30.99
N ASP B 47 -1.98 2.06 -31.90
CA ASP B 47 -2.45 2.47 -33.24
C ASP B 47 -3.97 2.40 -33.30
N ARG B 48 -4.63 3.56 -33.27
CA ARG B 48 -6.11 3.62 -33.24
C ARG B 48 -6.73 3.10 -34.56
N GLU B 49 -5.94 2.93 -35.62
CA GLU B 49 -6.46 2.50 -36.95
C GLU B 49 -6.36 0.98 -37.11
N HIS B 50 -5.63 0.26 -36.25
CA HIS B 50 -5.42 -1.20 -36.38
C HIS B 50 -6.66 -1.97 -35.92
N PRO B 51 -7.15 -2.98 -36.67
CA PRO B 51 -8.24 -3.82 -36.18
C PRO B 51 -7.93 -4.56 -34.85
N ASP B 52 -8.97 -4.96 -34.12
CA ASP B 52 -8.92 -5.40 -32.69
C ASP B 52 -8.63 -6.92 -32.59
N GLN B 53 -8.59 -7.62 -33.73
CA GLN B 53 -8.58 -9.12 -33.77
C GLN B 53 -7.31 -9.72 -33.16
N GLY B 54 -7.49 -10.69 -32.27
CA GLY B 54 -6.45 -11.56 -31.72
C GLY B 54 -5.55 -10.90 -30.68
N LEU B 55 -5.78 -9.65 -30.29
CA LEU B 55 -4.87 -8.94 -29.35
C LEU B 55 -4.97 -9.56 -27.96
N ILE B 56 -3.91 -9.49 -27.18
CA ILE B 56 -3.98 -9.96 -25.76
C ILE B 56 -4.94 -9.09 -24.93
N CYS B 57 -5.23 -7.87 -25.38
CA CYS B 57 -6.18 -6.98 -24.66
C CYS B 57 -7.13 -6.37 -25.69
N HIS B 58 -8.38 -6.81 -25.65
CA HIS B 58 -9.45 -6.31 -26.56
C HIS B 58 -9.85 -4.87 -26.23
N ASP B 59 -9.55 -4.37 -25.04
CA ASP B 59 -10.01 -3.04 -24.56
C ASP B 59 -8.90 -1.99 -24.74
N ALA B 60 -7.92 -2.23 -25.59
CA ALA B 60 -6.86 -1.26 -25.94
C ALA B 60 -6.43 -1.53 -27.38
N PHE B 61 -5.82 -0.54 -28.03
CA PHE B 61 -5.39 -0.67 -29.42
C PHE B 61 -4.14 -1.55 -29.51
N CYS B 62 -3.93 -2.12 -30.69
CA CYS B 62 -2.68 -2.80 -31.01
C CYS B 62 -1.51 -1.84 -30.78
N GLY B 63 -0.50 -2.25 -30.05
CA GLY B 63 0.66 -1.40 -29.74
C GLY B 63 0.50 -0.58 -28.48
N ALA B 64 -0.60 -0.73 -27.77
CA ALA B 64 -0.80 -0.04 -26.49
C ALA B 64 -0.08 -0.76 -25.35
N LEU B 65 0.21 -0.04 -24.27
CA LEU B 65 0.68 -0.64 -23.00
C LEU B 65 -0.51 -1.18 -22.23
N VAL B 66 -0.37 -2.41 -21.75
CA VAL B 66 -1.37 -3.06 -20.86
C VAL B 66 -0.62 -3.67 -19.67
N MET B 67 -1.38 -4.19 -18.72
CA MET B 67 -0.77 -4.83 -17.55
C MET B 67 -1.61 -6.03 -17.13
N LYS B 68 -0.99 -6.82 -16.27
CA LYS B 68 -1.68 -7.83 -15.43
C LYS B 68 -1.30 -7.53 -14.00
N ILE B 69 -2.23 -7.78 -13.09
CA ILE B 69 -1.98 -7.77 -11.63
C ILE B 69 -2.10 -9.21 -11.16
N GLY B 70 -1.01 -9.78 -10.66
CA GLY B 70 -0.94 -11.23 -10.41
C GLY B 70 -1.33 -11.98 -11.68
N ASN B 71 -2.28 -12.90 -11.55
CA ASN B 71 -2.75 -13.76 -12.67
C ASN B 71 -4.05 -13.21 -13.25
N SER B 72 -4.29 -11.90 -13.21
CA SER B 72 -5.50 -11.29 -13.81
C SER B 72 -5.48 -11.39 -15.33
N GLY B 73 -6.61 -11.10 -15.95
CA GLY B 73 -6.64 -10.74 -17.37
C GLY B 73 -5.91 -9.42 -17.62
N THR B 74 -5.72 -9.07 -18.88
CA THR B 74 -5.05 -7.81 -19.26
C THR B 74 -5.95 -6.63 -18.90
N ILE B 75 -5.30 -5.55 -18.50
CA ILE B 75 -5.93 -4.28 -18.05
C ILE B 75 -5.26 -3.17 -18.86
N PRO B 76 -6.02 -2.29 -19.54
CA PRO B 76 -5.39 -1.22 -20.30
C PRO B 76 -4.60 -0.28 -19.37
N VAL B 77 -3.43 0.16 -19.83
CA VAL B 77 -2.63 1.21 -19.15
C VAL B 77 -2.52 2.43 -20.06
N ASN B 78 -2.20 2.23 -21.33
CA ASN B 78 -2.07 3.35 -22.28
C ASN B 78 -1.01 4.30 -21.75
N THR B 79 -1.24 5.62 -21.74
CA THR B 79 -0.25 6.60 -21.27
C THR B 79 -0.09 6.54 -19.75
N GLY B 80 -1.01 5.91 -19.03
CA GLY B 80 -0.88 5.80 -17.58
C GLY B 80 -2.20 5.81 -16.88
N LEU B 81 -2.11 5.75 -15.57
CA LEU B 81 -3.27 5.69 -14.66
C LEU B 81 -3.00 6.70 -13.55
N PHE B 82 -3.96 7.56 -13.28
CA PHE B 82 -3.80 8.63 -12.26
C PHE B 82 -4.55 8.25 -10.99
N ARG B 83 -3.83 8.02 -9.89
CA ARG B 83 -4.45 7.74 -8.56
C ARG B 83 -5.56 6.70 -8.70
N TRP B 84 -5.18 5.56 -9.27
CA TRP B 84 -6.07 4.45 -9.69
C TRP B 84 -6.18 3.40 -8.59
N VAL B 85 -7.41 2.97 -8.33
CA VAL B 85 -7.76 1.83 -7.45
C VAL B 85 -8.38 0.76 -8.32
N ALA B 86 -8.00 -0.50 -8.17
CA ALA B 86 -8.51 -1.60 -9.01
C ALA B 86 -10.02 -1.66 -8.79
N PRO B 87 -10.84 -1.62 -9.87
CA PRO B 87 -12.28 -1.77 -9.71
C PRO B 87 -12.65 -3.25 -9.54
N ASN B 88 -11.75 -4.19 -9.86
CA ASN B 88 -11.95 -5.67 -9.73
C ASN B 88 -11.07 -6.28 -8.64
N ASN B 89 -11.41 -7.51 -8.25
CA ASN B 89 -10.72 -8.24 -7.15
C ASN B 89 -9.42 -8.81 -7.68
N VAL B 90 -8.38 -7.97 -7.72
CA VAL B 90 -7.04 -8.37 -8.24
C VAL B 90 -5.97 -8.06 -7.19
N GLN B 91 -4.94 -8.90 -7.13
CA GLN B 91 -3.80 -8.74 -6.20
C GLN B 91 -2.57 -9.37 -6.82
N GLY B 92 -1.39 -8.80 -6.57
CA GLY B 92 -0.11 -9.43 -6.89
C GLY B 92 0.77 -8.54 -7.73
N ALA B 93 1.88 -9.07 -8.21
CA ALA B 93 2.89 -8.29 -8.94
C ALA B 93 2.26 -7.69 -10.20
N ILE B 94 2.61 -6.45 -10.50
CA ILE B 94 2.23 -5.85 -11.81
C ILE B 94 3.23 -6.34 -12.86
N THR B 95 2.71 -6.88 -13.94
CA THR B 95 3.46 -7.18 -15.17
C THR B 95 3.00 -6.24 -16.26
N LEU B 96 3.93 -5.57 -16.91
CA LEU B 96 3.64 -4.65 -18.03
C LEU B 96 3.86 -5.38 -19.33
N ILE B 97 2.96 -5.21 -20.29
CA ILE B 97 3.02 -5.98 -21.56
C ILE B 97 2.62 -5.08 -22.71
N TYR B 98 3.32 -5.24 -23.82
CA TYR B 98 2.93 -4.62 -25.10
C TYR B 98 1.74 -5.37 -25.68
N ASN B 99 0.71 -4.67 -26.15
CA ASN B 99 -0.49 -5.31 -26.72
C ASN B 99 -0.25 -5.71 -28.17
N ASP B 100 -0.14 -7.01 -28.44
CA ASP B 100 -0.02 -7.53 -29.82
C ASP B 100 -0.72 -8.88 -29.86
N VAL B 101 -0.75 -9.47 -31.05
CA VAL B 101 -1.33 -10.82 -31.26
C VAL B 101 -0.32 -11.85 -30.79
N PRO B 102 -0.72 -12.83 -29.95
CA PRO B 102 0.20 -13.89 -29.54
C PRO B 102 0.93 -14.53 -30.73
N GLY B 103 2.22 -14.76 -30.57
CA GLY B 103 3.06 -15.37 -31.60
C GLY B 103 3.58 -14.37 -32.64
N THR B 104 3.23 -13.08 -32.55
CA THR B 104 3.65 -12.07 -33.55
C THR B 104 4.58 -11.02 -32.93
N TYR B 105 5.22 -11.32 -31.80
CA TYR B 105 6.06 -10.33 -31.09
C TYR B 105 7.44 -10.21 -31.72
N GLY B 106 7.85 -11.19 -32.54
CA GLY B 106 9.25 -11.22 -33.01
C GLY B 106 9.60 -10.08 -33.95
N ASN B 107 8.63 -9.46 -34.62
CA ASN B 107 8.92 -8.34 -35.56
C ASN B 107 8.70 -6.99 -34.86
N ASN B 108 8.47 -6.98 -33.56
CA ASN B 108 8.19 -5.72 -32.83
C ASN B 108 9.50 -5.03 -32.51
N SER B 109 9.45 -3.74 -32.21
CA SER B 109 10.67 -2.97 -31.87
C SER B 109 10.32 -1.78 -30.99
N GLY B 110 11.33 -1.25 -30.33
CA GLY B 110 11.17 -0.11 -29.42
C GLY B 110 10.64 -0.55 -28.08
N SER B 111 10.29 0.41 -27.25
CA SER B 111 9.99 0.17 -25.83
C SER B 111 9.30 1.38 -25.25
N PHE B 112 8.62 1.14 -24.15
CA PHE B 112 8.10 2.24 -23.31
C PHE B 112 8.88 2.31 -22.01
N SER B 113 9.21 3.53 -21.59
N SER B 113 9.23 3.53 -21.60
CA SER B 113 9.78 3.86 -20.26
CA SER B 113 9.76 3.85 -20.25
C SER B 113 8.61 4.13 -19.31
C SER B 113 8.56 4.08 -19.33
N VAL B 114 8.51 3.39 -18.21
CA VAL B 114 7.34 3.41 -17.31
C VAL B 114 7.80 3.68 -15.89
N ASN B 115 7.07 4.56 -15.22
CA ASN B 115 7.17 4.80 -13.76
C ASN B 115 5.89 4.30 -13.12
N ILE B 116 6.02 3.57 -12.01
CA ILE B 116 4.86 3.19 -11.17
C ILE B 116 5.18 3.58 -9.74
N GLY B 117 4.22 4.20 -9.06
CA GLY B 117 4.34 4.50 -7.62
C GLY B 117 3.03 4.25 -6.93
N LYS B 118 3.09 3.90 -5.66
CA LYS B 118 1.92 3.85 -4.77
C LYS B 118 1.70 5.26 -4.21
N ASP B 119 0.45 5.67 -4.27
CA ASP B 119 0.01 6.99 -3.81
C ASP B 119 -0.40 6.90 -2.35
N GLN B 120 -0.54 8.06 -1.74
CA GLN B 120 -1.11 8.17 -0.38
C GLN B 120 -2.51 7.54 -0.40
N SER B 121 -2.90 6.87 0.68
CA SER B 121 -4.25 6.24 0.76
C SER B 121 -4.63 6.13 2.22
#